data_8YXR
#
_entry.id   8YXR
#
_cell.length_a   1.00
_cell.length_b   1.00
_cell.length_c   1.00
_cell.angle_alpha   90.00
_cell.angle_beta   90.00
_cell.angle_gamma   90.00
#
_symmetry.space_group_name_H-M   'P 1'
#
_entity_poly.entity_id   1
_entity_poly.type   'polypeptide(L)'
_entity_poly.pdbx_seq_one_letter_code
;MDQFIKQDETGDLIETGMNVANHFLSTPIQGTNSLSKASILPGVAPVLIGNPEQKNIQHPTASHQGSKTKGRGSGVRSII
VSPSEAGNGGTQIPEPLFAQTGQGGIVTTVYQDPTIQPTGSYRSVELAKIGKERMINRFVEKPRTSTPVTEFKRGGPGAA
AQGQTIQEEGIDGNGASAGSKERSGSLSGATLYAHLSLPQQDSTPANVGIAPQSAISANEIMDLLRGMDARLQHLEQKVD
KVLAQGSMVTQIKNELSTVKTTLATIEGMMATVKIMDPGNPTGVPVDELRRSFSDHVTIVSGPGDVSFSSSEKPTLYLDE
LARPVSKPRPAKQTKSQPVKDLAGQKVMITKMITDCVANPQMKQAFEQRLAKASTEDALNDIKRDIIRSAI
;
_entity_poly.pdbx_strand_id   B,C,D,E
#
# COMPACT_ATOMS: atom_id res chain seq x y z
N ALA A 218 -18.14 -40.66 24.05
CA ALA A 218 -19.53 -40.69 23.62
C ALA A 218 -20.05 -39.29 23.37
N ASN A 219 -20.91 -38.80 24.26
CA ASN A 219 -21.45 -37.45 24.12
C ASN A 219 -20.35 -36.41 24.30
N GLU A 220 -19.27 -36.76 25.01
CA GLU A 220 -18.16 -35.83 25.20
C GLU A 220 -17.50 -35.46 23.88
N ILE A 221 -17.29 -36.44 22.99
CA ILE A 221 -16.72 -36.14 21.67
C ILE A 221 -17.63 -35.21 20.90
N MET A 222 -18.95 -35.39 21.03
CA MET A 222 -19.88 -34.46 20.42
C MET A 222 -19.73 -33.06 21.00
N ASP A 223 -19.51 -32.98 22.32
CA ASP A 223 -19.27 -31.67 22.95
C ASP A 223 -18.03 -31.04 22.30
N LEU A 224 -16.96 -31.83 22.12
CA LEU A 224 -15.73 -31.32 21.54
C LEU A 224 -15.94 -30.81 20.12
N LEU A 225 -16.65 -31.59 19.30
CA LEU A 225 -16.87 -31.19 17.88
C LEU A 225 -17.70 -29.90 17.86
N ARG A 226 -18.74 -29.83 18.70
CA ARG A 226 -19.57 -28.64 18.77
C ARG A 226 -18.75 -27.41 19.11
N GLY A 227 -17.91 -27.53 20.14
CA GLY A 227 -17.03 -26.42 20.48
C GLY A 227 -16.09 -26.07 19.35
N MET A 228 -15.59 -27.07 18.62
CA MET A 228 -14.70 -26.64 17.53
C MET A 228 -15.52 -25.86 16.51
N ASP A 229 -16.60 -26.45 16.01
CA ASP A 229 -17.35 -25.75 14.93
C ASP A 229 -17.72 -24.32 15.38
N ALA A 230 -18.08 -24.15 16.65
CA ALA A 230 -18.39 -22.80 17.14
C ALA A 230 -17.15 -21.92 17.07
N ARG A 231 -16.01 -22.46 17.50
CA ARG A 231 -14.74 -21.68 17.48
C ARG A 231 -14.40 -21.29 16.03
N LEU A 232 -14.50 -22.24 15.09
CA LEU A 232 -14.25 -21.90 13.70
C LEU A 232 -15.22 -20.86 13.20
N GLN A 233 -16.46 -20.87 13.70
CA GLN A 233 -17.42 -19.83 13.33
C GLN A 233 -16.95 -18.46 13.78
N HIS A 234 -16.44 -18.39 15.01
CA HIS A 234 -15.90 -17.11 15.53
C HIS A 234 -14.78 -16.62 14.58
N LEU A 235 -13.79 -17.48 14.34
CA LEU A 235 -12.67 -17.10 13.43
C LEU A 235 -13.24 -16.69 12.08
N GLU A 236 -14.29 -17.37 11.63
CA GLU A 236 -14.88 -17.06 10.33
C GLU A 236 -15.37 -15.61 10.31
N GLN A 237 -16.01 -15.20 11.40
CA GLN A 237 -16.39 -13.78 11.52
C GLN A 237 -15.16 -12.88 11.49
N LYS A 238 -14.10 -13.31 12.17
CA LYS A 238 -12.84 -12.51 12.20
C LYS A 238 -12.30 -12.35 10.79
N VAL A 239 -12.23 -13.42 10.01
CA VAL A 239 -11.65 -13.34 8.68
C VAL A 239 -12.56 -12.60 7.71
N ASP A 240 -13.88 -12.71 7.83
CA ASP A 240 -14.72 -11.92 6.93
C ASP A 240 -14.63 -10.44 7.26
N LYS A 241 -14.47 -10.08 8.53
CA LYS A 241 -14.16 -8.69 8.87
C LYS A 241 -12.86 -8.24 8.22
N VAL A 242 -11.83 -9.08 8.31
CA VAL A 242 -10.53 -8.73 7.75
C VAL A 242 -10.64 -8.55 6.24
N LEU A 243 -11.43 -9.40 5.58
CA LEU A 243 -11.68 -9.26 4.15
C LEU A 243 -12.40 -7.95 3.85
N ALA A 244 -13.42 -7.62 4.65
CA ALA A 244 -14.15 -6.37 4.44
C ALA A 244 -13.23 -5.17 4.59
N GLN A 245 -12.11 -5.33 5.31
CA GLN A 245 -11.18 -4.22 5.48
C GLN A 245 -10.55 -3.75 4.16
N GLY A 246 -10.63 -4.54 3.08
CA GLY A 246 -9.88 -4.22 1.87
C GLY A 246 -10.51 -3.19 0.95
N SER A 247 -11.77 -2.81 1.21
CA SER A 247 -12.42 -1.83 0.35
C SER A 247 -11.69 -0.49 0.39
N MET A 248 -11.30 -0.04 1.59
CA MET A 248 -10.59 1.22 1.67
C MET A 248 -9.18 1.11 1.13
N VAL A 249 -8.60 -0.09 1.08
CA VAL A 249 -7.37 -0.28 0.33
C VAL A 249 -7.62 -0.04 -1.16
N THR A 250 -8.75 -0.51 -1.67
CA THR A 250 -9.09 -0.22 -3.05
C THR A 250 -9.22 1.28 -3.28
N GLN A 251 -9.88 1.97 -2.35
CA GLN A 251 -10.05 3.44 -2.46
C GLN A 251 -8.67 4.11 -2.44
N ILE A 252 -7.77 3.64 -1.56
CA ILE A 252 -6.47 4.27 -1.46
C ILE A 252 -5.66 4.05 -2.73
N LYS A 253 -5.85 2.90 -3.40
CA LYS A 253 -5.25 2.72 -4.71
C LYS A 253 -5.81 3.71 -5.72
N ASN A 254 -7.14 3.88 -5.70
CA ASN A 254 -7.78 4.83 -6.62
C ASN A 254 -7.25 6.24 -6.42
N GLU A 255 -6.98 6.62 -5.16
CA GLU A 255 -6.42 7.94 -4.88
C GLU A 255 -4.93 8.04 -5.14
N LEU A 256 -4.16 6.97 -4.96
CA LEU A 256 -2.76 7.00 -5.34
C LEU A 256 -2.60 7.17 -6.84
N SER A 257 -3.61 6.72 -7.61
CA SER A 257 -3.64 7.08 -9.02
C SER A 257 -3.46 8.58 -9.21
N THR A 258 -4.39 9.37 -8.66
CA THR A 258 -4.29 10.82 -8.75
C THR A 258 -3.01 11.32 -8.10
N VAL A 259 -2.48 10.58 -7.12
CA VAL A 259 -1.23 11.00 -6.49
C VAL A 259 -0.13 11.07 -7.54
N LYS A 260 0.05 9.96 -8.26
CA LYS A 260 1.09 9.92 -9.32
C LYS A 260 0.78 10.98 -10.38
N THR A 261 -0.47 11.06 -10.84
CA THR A 261 -0.82 12.02 -11.91
C THR A 261 -0.42 13.44 -11.49
N THR A 262 -0.88 13.90 -10.33
CA THR A 262 -0.61 15.26 -9.89
C THR A 262 0.88 15.46 -9.63
N LEU A 263 1.56 14.45 -9.10
CA LEU A 263 2.99 14.60 -8.85
C LEU A 263 3.75 14.75 -10.17
N ALA A 264 3.36 13.98 -11.19
CA ALA A 264 3.99 14.12 -12.50
C ALA A 264 3.73 15.50 -13.09
N THR A 265 2.51 16.01 -12.91
CA THR A 265 2.20 17.35 -13.39
C THR A 265 3.07 18.41 -12.70
N ILE A 266 3.23 18.27 -11.38
CA ILE A 266 4.08 19.20 -10.63
C ILE A 266 5.53 19.13 -11.13
N GLU A 267 6.01 17.90 -11.30
CA GLU A 267 7.42 17.72 -11.78
C GLU A 267 7.55 18.41 -13.15
N GLY A 268 6.61 18.16 -14.06
CA GLY A 268 6.69 18.74 -15.38
C GLY A 268 6.67 20.26 -15.35
N MET A 269 5.80 20.84 -14.52
CA MET A 269 5.76 22.30 -14.38
C MET A 269 7.09 22.83 -13.87
N MET A 270 7.66 22.17 -12.86
CA MET A 270 8.94 22.60 -12.33
C MET A 270 10.03 22.52 -13.39
N ALA A 271 10.02 21.44 -14.18
CA ALA A 271 11.04 21.29 -15.22
C ALA A 271 10.92 22.37 -16.29
N THR A 272 9.70 22.65 -16.74
CA THR A 272 9.57 23.65 -17.79
C THR A 272 9.81 25.05 -17.25
N VAL A 273 9.66 25.25 -15.95
CA VAL A 273 10.07 26.52 -15.34
C VAL A 273 11.60 26.62 -15.32
N LYS A 274 12.26 25.52 -14.97
CA LYS A 274 13.72 25.54 -14.91
C LYS A 274 14.34 25.77 -16.28
N ILE A 275 13.79 25.15 -17.33
CA ILE A 275 14.37 25.32 -18.66
C ILE A 275 14.14 26.74 -19.17
N MET A 276 13.17 27.46 -18.59
CA MET A 276 12.83 28.78 -19.09
C MET A 276 13.87 29.84 -18.74
N ASP A 277 14.87 29.50 -17.94
CA ASP A 277 15.90 30.48 -17.56
C ASP A 277 16.81 30.78 -18.75
N PRO A 278 16.93 32.04 -19.16
CA PRO A 278 17.76 32.36 -20.34
C PRO A 278 19.25 32.26 -20.10
N GLY A 279 19.69 32.03 -18.87
CA GLY A 279 21.12 31.95 -18.61
C GLY A 279 21.78 30.75 -19.26
N ASN A 280 21.12 29.58 -19.18
CA ASN A 280 21.72 28.34 -19.63
C ASN A 280 21.05 27.89 -20.92
N PRO A 281 21.73 27.93 -22.07
CA PRO A 281 21.15 27.37 -23.29
C PRO A 281 20.88 25.88 -23.14
N THR A 282 19.77 25.44 -23.70
CA THR A 282 19.33 24.06 -23.57
C THR A 282 19.05 23.51 -24.97
N GLY A 283 18.50 22.29 -25.02
CA GLY A 283 18.18 21.66 -26.28
C GLY A 283 17.48 20.33 -26.10
N VAL A 284 16.41 20.11 -26.87
CA VAL A 284 15.69 18.84 -26.79
C VAL A 284 16.56 17.73 -27.38
N PRO A 285 16.71 16.59 -26.71
CA PRO A 285 17.54 15.51 -27.26
C PRO A 285 17.01 15.02 -28.60
N VAL A 286 17.93 14.66 -29.49
CA VAL A 286 17.61 14.18 -30.83
C VAL A 286 16.74 15.18 -31.58
N GLU B 220 -7.43 -42.06 18.04
CA GLU B 220 -7.41 -41.10 16.94
C GLU B 220 -8.17 -39.83 17.32
N ILE B 221 -9.11 -39.96 18.26
CA ILE B 221 -9.89 -38.80 18.68
C ILE B 221 -9.02 -37.79 19.41
N MET B 222 -8.15 -38.28 20.28
CA MET B 222 -7.19 -37.38 20.95
C MET B 222 -6.44 -36.64 19.85
N ASP B 223 -5.86 -37.38 18.89
CA ASP B 223 -5.22 -36.73 17.75
C ASP B 223 -6.21 -35.84 17.02
N LEU B 224 -7.49 -36.23 16.98
CA LEU B 224 -8.50 -35.45 16.30
C LEU B 224 -8.82 -34.15 17.03
N LEU B 225 -8.28 -33.94 18.24
CA LEU B 225 -8.54 -32.72 19.00
C LEU B 225 -7.31 -31.91 19.36
N ARG B 226 -6.20 -32.55 19.75
CA ARG B 226 -5.08 -31.80 20.33
C ARG B 226 -4.43 -30.88 19.30
N GLY B 227 -4.06 -31.43 18.13
CA GLY B 227 -3.49 -30.61 17.08
C GLY B 227 -4.47 -29.57 16.59
N MET B 228 -5.76 -29.91 16.60
CA MET B 228 -6.79 -28.95 16.15
C MET B 228 -6.75 -27.73 17.07
N ASP B 229 -6.77 -27.95 18.38
CA ASP B 229 -6.74 -26.84 19.33
C ASP B 229 -5.44 -26.05 19.21
N ALA B 230 -4.31 -26.73 19.04
CA ALA B 230 -3.04 -26.01 18.90
C ALA B 230 -3.05 -25.11 17.68
N ARG B 231 -3.46 -25.66 16.52
CA ARG B 231 -3.55 -24.85 15.28
C ARG B 231 -4.52 -23.70 15.52
N LEU B 232 -5.60 -24.00 16.21
CA LEU B 232 -6.62 -22.98 16.43
C LEU B 232 -6.05 -21.80 17.22
N GLN B 233 -5.29 -22.09 18.26
CA GLN B 233 -4.65 -21.02 19.03
C GLN B 233 -3.68 -20.22 18.16
N HIS B 234 -2.94 -20.91 17.29
CA HIS B 234 -2.09 -20.19 16.36
C HIS B 234 -2.91 -19.26 15.47
N LEU B 235 -4.07 -19.74 15.02
CA LEU B 235 -4.97 -18.90 14.20
C LEU B 235 -5.36 -17.66 15.04
N GLU B 236 -5.76 -17.87 16.29
CA GLU B 236 -6.17 -16.74 17.12
C GLU B 236 -5.07 -15.70 17.18
N GLN B 237 -3.84 -16.14 17.43
CA GLN B 237 -2.71 -15.21 17.51
C GLN B 237 -2.52 -14.46 16.19
N LYS B 238 -2.57 -15.19 15.07
CA LYS B 238 -2.40 -14.54 13.77
C LYS B 238 -3.53 -13.56 13.50
N VAL B 239 -4.74 -13.88 13.97
CA VAL B 239 -5.87 -12.97 13.77
C VAL B 239 -5.67 -11.68 14.56
N ASP B 240 -5.22 -11.79 15.82
CA ASP B 240 -4.94 -10.57 16.57
C ASP B 240 -3.84 -9.75 15.89
N LYS B 241 -2.85 -10.42 15.30
CA LYS B 241 -1.86 -9.71 14.52
C LYS B 241 -2.50 -9.00 13.33
N VAL B 242 -3.46 -9.66 12.66
CA VAL B 242 -3.99 -9.16 11.41
C VAL B 242 -4.91 -7.96 11.64
N LEU B 243 -5.66 -7.92 12.73
CA LEU B 243 -6.56 -6.78 12.94
C LEU B 243 -5.82 -5.44 12.99
N ALA B 244 -4.51 -5.45 13.24
CA ALA B 244 -3.75 -4.21 13.13
C ALA B 244 -3.69 -3.71 11.69
N GLN B 245 -3.94 -4.60 10.73
CA GLN B 245 -3.94 -4.18 9.31
C GLN B 245 -4.99 -3.08 9.13
N GLY B 246 -6.23 -3.34 9.55
CA GLY B 246 -7.27 -2.33 9.36
C GLY B 246 -6.86 -0.98 9.91
N SER B 247 -6.25 -0.98 11.10
CA SER B 247 -5.86 0.27 11.74
C SER B 247 -4.80 1.01 10.93
N MET B 248 -3.71 0.31 10.61
CA MET B 248 -2.58 0.96 9.87
C MET B 248 -3.10 1.42 8.51
N VAL B 249 -3.93 0.62 7.87
CA VAL B 249 -4.46 0.95 6.55
C VAL B 249 -5.31 2.22 6.62
N THR B 250 -6.18 2.34 7.63
CA THR B 250 -7.01 3.54 7.68
C THR B 250 -6.20 4.78 8.03
N GLN B 251 -5.14 4.60 8.84
CA GLN B 251 -4.24 5.75 9.16
C GLN B 251 -3.55 6.19 7.87
N ILE B 252 -3.08 5.24 7.07
CA ILE B 252 -2.48 5.58 5.77
C ILE B 252 -3.49 6.28 4.88
N LYS B 253 -4.73 5.81 4.89
CA LYS B 253 -5.77 6.43 4.08
C LYS B 253 -5.93 7.90 4.45
N ASN B 254 -6.08 8.19 5.75
CA ASN B 254 -6.29 9.59 6.19
C ASN B 254 -5.07 10.43 5.83
N GLU B 255 -3.88 9.91 6.10
CA GLU B 255 -2.61 10.66 5.83
C GLU B 255 -2.55 11.01 4.34
N LEU B 256 -2.90 10.04 3.48
CA LEU B 256 -2.88 10.30 2.05
C LEU B 256 -3.97 11.28 1.65
N SER B 257 -5.07 11.32 2.40
CA SER B 257 -6.05 12.38 2.20
C SER B 257 -5.43 13.75 2.50
N THR B 258 -4.65 13.84 3.57
CA THR B 258 -3.92 15.09 3.82
C THR B 258 -2.94 15.40 2.69
N VAL B 259 -2.36 14.36 2.10
CA VAL B 259 -1.44 14.56 0.98
C VAL B 259 -2.18 15.17 -0.20
N LYS B 260 -3.42 14.71 -0.40
CA LYS B 260 -4.26 15.31 -1.46
C LYS B 260 -4.53 16.78 -1.11
N THR B 261 -4.91 17.04 0.14
CA THR B 261 -5.21 18.44 0.57
C THR B 261 -4.02 19.35 0.26
N THR B 262 -2.80 18.94 0.64
CA THR B 262 -1.64 19.80 0.47
C THR B 262 -1.17 19.86 -0.99
N LEU B 263 -1.31 18.77 -1.74
CA LEU B 263 -0.91 18.79 -3.13
C LEU B 263 -1.82 19.68 -3.95
N ALA B 264 -3.10 19.76 -3.58
CA ALA B 264 -4.00 20.72 -4.22
C ALA B 264 -3.48 22.14 -4.04
N THR B 265 -3.04 22.49 -2.82
CA THR B 265 -2.50 23.82 -2.58
C THR B 265 -1.21 24.05 -3.35
N ILE B 266 -0.32 23.05 -3.40
CA ILE B 266 0.95 23.27 -4.10
C ILE B 266 0.71 23.45 -5.59
N GLU B 267 -0.26 22.72 -6.14
CA GLU B 267 -0.70 22.98 -7.52
C GLU B 267 -1.25 24.40 -7.66
N GLY B 268 -2.07 24.84 -6.69
CA GLY B 268 -2.62 26.17 -6.78
C GLY B 268 -1.56 27.27 -6.80
N MET B 269 -0.50 27.05 -6.00
CA MET B 269 0.59 28.06 -5.91
C MET B 269 1.43 28.00 -7.19
N MET B 270 1.74 26.79 -7.69
CA MET B 270 2.63 26.69 -8.84
C MET B 270 1.96 27.07 -10.15
N ALA B 271 0.63 26.92 -10.23
CA ALA B 271 -0.06 27.23 -11.48
C ALA B 271 0.06 28.71 -11.84
N THR B 272 -0.08 29.59 -10.85
CA THR B 272 0.00 31.04 -11.07
C THR B 272 1.31 31.53 -10.48
N VAL B 273 2.35 31.52 -11.30
CA VAL B 273 3.69 31.95 -10.89
C VAL B 273 4.20 32.98 -11.89
N LYS B 274 4.86 34.02 -11.38
CA LYS B 274 5.40 35.07 -12.20
C LYS B 274 6.87 34.77 -12.52
N ILE B 275 7.21 34.78 -13.80
CA ILE B 275 8.59 34.65 -14.27
C ILE B 275 8.96 35.94 -14.98
N MET B 276 9.89 36.70 -14.40
CA MET B 276 10.28 37.99 -14.92
C MET B 276 11.76 37.99 -15.22
N ASP B 277 12.14 38.52 -16.39
CA ASP B 277 13.54 38.69 -16.75
C ASP B 277 13.98 40.06 -16.28
N PRO B 278 14.98 40.15 -15.39
CA PRO B 278 15.37 41.47 -14.86
C PRO B 278 15.80 42.44 -15.94
N GLY B 279 16.37 41.98 -17.03
CA GLY B 279 16.84 42.91 -18.04
C GLY B 279 18.11 43.62 -17.59
N ASN B 280 18.43 44.70 -18.30
CA ASN B 280 19.63 45.48 -18.04
C ASN B 280 19.28 46.97 -17.96
N PRO B 281 18.56 47.38 -16.91
CA PRO B 281 18.25 48.81 -16.78
C PRO B 281 19.40 49.62 -16.21
N THR B 282 20.27 49.01 -15.41
CA THR B 282 21.35 49.75 -14.76
C THR B 282 22.38 50.25 -15.76
N GLY B 283 22.60 49.50 -16.83
CA GLY B 283 23.64 49.85 -17.79
C GLY B 283 25.01 49.29 -17.47
N VAL B 284 25.09 48.21 -16.71
CA VAL B 284 26.35 47.57 -16.36
C VAL B 284 27.01 47.08 -17.64
N PRO B 285 28.34 47.21 -17.79
CA PRO B 285 28.99 46.76 -19.02
C PRO B 285 28.77 45.28 -19.27
N VAL B 286 28.67 44.94 -20.56
CA VAL B 286 28.31 43.58 -20.96
C VAL B 286 29.35 42.55 -20.53
N ASP B 287 30.59 42.99 -20.39
CA ASP B 287 31.67 42.06 -19.98
C ASP B 287 31.28 41.45 -18.64
N GLU B 288 30.98 42.31 -17.69
CA GLU B 288 30.56 41.81 -16.39
C GLU B 288 29.30 40.97 -16.48
N LEU B 289 28.36 41.36 -17.35
CA LEU B 289 27.10 40.63 -17.49
C LEU B 289 27.28 39.24 -18.09
N ARG B 290 28.43 38.94 -18.70
CA ARG B 290 28.67 37.63 -19.28
C ARG B 290 28.88 36.63 -18.15
N ARG B 291 27.79 36.34 -17.45
CA ARG B 291 27.75 35.34 -16.39
C ARG B 291 26.77 34.24 -16.75
N SER B 292 26.81 33.80 -18.00
CA SER B 292 25.88 32.82 -18.53
C SER B 292 26.65 31.71 -19.23
N PHE B 293 26.08 30.51 -19.20
CA PHE B 293 26.73 29.37 -19.82
C PHE B 293 26.81 29.54 -21.33
N SER B 294 27.87 28.98 -21.92
CA SER B 294 28.05 28.96 -23.36
C SER B 294 28.04 27.56 -23.93
N ASP B 295 27.61 26.57 -23.15
CA ASP B 295 27.62 25.17 -23.58
C ASP B 295 26.19 24.65 -23.62
N HIS B 296 25.83 24.01 -24.72
CA HIS B 296 24.49 23.45 -24.85
C HIS B 296 24.33 22.24 -23.95
N VAL B 297 23.27 22.22 -23.15
CA VAL B 297 22.99 21.13 -22.23
C VAL B 297 21.58 20.60 -22.53
N THR B 298 21.47 19.30 -22.75
CA THR B 298 20.22 18.69 -23.19
C THR B 298 19.40 18.24 -21.98
N ILE B 299 18.33 18.99 -21.68
CA ILE B 299 17.45 18.64 -20.53
C ILE B 299 16.04 18.36 -21.06
N VAL B 300 15.33 17.40 -20.46
CA VAL B 300 13.93 17.09 -20.87
C VAL B 300 12.96 17.55 -19.78
N SER B 301 11.70 17.79 -20.14
CA SER B 301 10.67 18.18 -19.14
C SER B 301 9.66 17.04 -18.99
N GLY B 302 8.73 16.91 -19.95
CA GLY B 302 7.77 15.80 -19.92
C GLY B 302 8.22 14.64 -20.79
N PRO B 303 8.17 14.76 -22.14
CA PRO B 303 8.68 13.73 -23.02
C PRO B 303 10.10 13.30 -22.72
N GLY B 304 10.29 12.08 -22.25
CA GLY B 304 11.68 11.67 -22.10
C GLY B 304 11.84 10.33 -21.42
N ALA C 218 -15.34 -40.85 8.32
CA ALA C 218 -14.33 -41.82 8.71
C ALA C 218 -12.93 -41.25 8.53
N ASN C 219 -11.95 -42.15 8.40
CA ASN C 219 -10.55 -41.73 8.34
C ASN C 219 -10.28 -40.82 7.15
N GLU C 220 -11.10 -40.96 6.09
CA GLU C 220 -10.96 -40.12 4.91
C GLU C 220 -11.08 -38.64 5.28
N ILE C 221 -12.03 -38.30 6.15
CA ILE C 221 -12.19 -36.89 6.49
C ILE C 221 -11.11 -36.39 7.45
N MET C 222 -10.52 -37.27 8.22
CA MET C 222 -9.38 -36.86 9.07
C MET C 222 -8.20 -36.54 8.13
N ASP C 223 -7.98 -37.38 7.10
CA ASP C 223 -6.93 -37.10 6.13
C ASP C 223 -7.20 -35.79 5.38
N LEU C 224 -8.45 -35.58 4.96
CA LEU C 224 -8.81 -34.34 4.28
C LEU C 224 -8.58 -33.14 5.19
N LEU C 225 -8.86 -33.29 6.48
CA LEU C 225 -8.71 -32.15 7.38
C LEU C 225 -7.25 -31.86 7.67
N ARG C 226 -6.40 -32.89 7.55
CA ARG C 226 -4.94 -32.67 7.67
C ARG C 226 -4.53 -31.89 6.41
N GLY C 227 -5.15 -32.20 5.27
CA GLY C 227 -4.88 -31.44 4.05
C GLY C 227 -5.28 -29.98 4.19
N MET C 228 -6.47 -29.74 4.76
CA MET C 228 -6.98 -28.34 4.89
C MET C 228 -6.19 -27.58 5.96
N ASP C 229 -5.66 -28.24 6.98
CA ASP C 229 -4.85 -27.51 7.94
C ASP C 229 -3.44 -27.27 7.41
N ALA C 230 -2.94 -28.13 6.52
CA ALA C 230 -1.69 -27.81 5.83
C ALA C 230 -1.85 -26.58 4.93
N ARG C 231 -2.93 -26.56 4.15
CA ARG C 231 -3.22 -25.35 3.34
C ARG C 231 -3.32 -24.15 4.29
N LEU C 232 -3.95 -24.34 5.45
CA LEU C 232 -4.12 -23.28 6.43
C LEU C 232 -2.77 -22.75 6.90
N GLN C 233 -1.84 -23.65 7.19
CA GLN C 233 -0.50 -23.22 7.58
C GLN C 233 0.15 -22.43 6.46
N HIS C 234 -0.10 -22.81 5.20
CA HIS C 234 0.41 -22.02 4.08
C HIS C 234 -0.21 -20.62 4.04
N LEU C 235 -1.53 -20.54 4.29
CA LEU C 235 -2.17 -19.23 4.33
C LEU C 235 -1.55 -18.35 5.41
N GLU C 236 -1.31 -18.93 6.59
CA GLU C 236 -0.63 -18.17 7.64
C GLU C 236 0.79 -17.80 7.23
N GLN C 237 1.46 -18.66 6.46
CA GLN C 237 2.79 -18.35 5.96
C GLN C 237 2.78 -17.06 5.16
N LYS C 238 1.90 -16.97 4.17
CA LYS C 238 1.86 -15.73 3.37
C LYS C 238 1.24 -14.57 4.16
N VAL C 239 0.37 -14.87 5.14
CA VAL C 239 -0.15 -13.83 6.00
C VAL C 239 0.98 -13.15 6.75
N ASP C 240 1.94 -13.93 7.24
CA ASP C 240 3.13 -13.36 7.88
C ASP C 240 3.88 -12.44 6.93
N LYS C 241 3.88 -12.77 5.63
CA LYS C 241 4.57 -11.93 4.67
C LYS C 241 3.81 -10.63 4.39
N VAL C 242 2.49 -10.65 4.57
CA VAL C 242 1.71 -9.43 4.31
C VAL C 242 2.18 -8.27 5.17
N LEU C 243 2.42 -8.51 6.46
CA LEU C 243 2.76 -7.40 7.40
C LEU C 243 4.04 -6.66 7.01
N ALA C 244 4.81 -7.16 6.03
CA ALA C 244 6.08 -6.55 5.70
C ALA C 244 5.93 -5.09 5.25
N GLN C 245 4.72 -4.66 4.90
CA GLN C 245 4.49 -3.32 4.39
C GLN C 245 4.70 -2.21 5.42
N GLY C 246 4.75 -2.54 6.71
CA GLY C 246 4.77 -1.51 7.74
C GLY C 246 5.98 -0.61 7.68
N SER C 247 7.16 -1.17 7.37
CA SER C 247 8.35 -0.35 7.23
C SER C 247 8.20 0.66 6.11
N MET C 248 7.67 0.18 4.97
CA MET C 248 7.50 1.05 3.77
C MET C 248 6.44 2.13 4.04
N VAL C 249 5.42 1.81 4.83
CA VAL C 249 4.43 2.82 5.18
C VAL C 249 5.03 3.84 6.16
N THR C 250 5.93 3.39 7.04
CA THR C 250 6.72 4.34 7.81
C THR C 250 7.50 5.25 6.87
N GLN C 251 8.02 4.67 5.78
CA GLN C 251 8.75 5.45 4.79
C GLN C 251 7.84 6.48 4.12
N ILE C 252 6.59 6.07 3.87
CA ILE C 252 5.62 6.96 3.17
C ILE C 252 5.27 8.15 4.08
N LYS C 253 5.14 7.88 5.39
CA LYS C 253 4.89 8.98 6.37
C LYS C 253 6.12 9.89 6.36
N ASN C 254 7.31 9.29 6.30
CA ASN C 254 8.53 10.09 6.21
C ASN C 254 8.49 10.98 4.98
N GLU C 255 7.97 10.44 3.86
CA GLU C 255 7.76 11.22 2.65
C GLU C 255 6.86 12.42 2.93
N LEU C 256 5.79 12.19 3.69
CA LEU C 256 4.86 13.30 4.02
C LEU C 256 5.66 14.38 4.77
N SER C 257 6.39 13.96 5.80
CA SER C 257 7.14 14.94 6.58
C SER C 257 8.06 15.75 5.69
N THR C 258 8.77 15.08 4.77
CA THR C 258 9.68 15.78 3.88
C THR C 258 8.93 16.76 2.98
N VAL C 259 7.82 16.32 2.39
CA VAL C 259 7.13 17.18 1.44
C VAL C 259 6.51 18.38 2.15
N LYS C 260 6.03 18.19 3.39
CA LYS C 260 5.54 19.33 4.14
C LYS C 260 6.67 20.32 4.44
N THR C 261 7.80 19.82 4.94
CA THR C 261 8.92 20.70 5.25
C THR C 261 9.40 21.46 4.02
N THR C 262 9.33 20.83 2.85
CA THR C 262 9.86 21.45 1.64
C THR C 262 8.85 22.33 0.92
N LEU C 263 7.55 22.07 1.07
CA LEU C 263 6.56 23.02 0.57
C LEU C 263 6.48 24.24 1.46
N ALA C 264 6.91 24.11 2.72
CA ALA C 264 7.03 25.29 3.58
C ALA C 264 8.01 26.29 2.99
N THR C 265 9.03 25.80 2.29
CA THR C 265 10.03 26.69 1.70
C THR C 265 9.44 27.47 0.52
N ILE C 266 8.54 26.85 -0.23
CA ILE C 266 8.03 27.49 -1.46
C ILE C 266 7.28 28.77 -1.13
N GLU C 267 6.43 28.73 -0.10
CA GLU C 267 5.66 29.92 0.28
C GLU C 267 6.57 30.99 0.86
N ALA D 218 -26.26 -42.53 13.84
CA ALA D 218 -24.87 -42.11 13.69
C ALA D 218 -24.69 -41.32 12.40
N ASN D 219 -25.80 -40.93 11.77
CA ASN D 219 -25.73 -40.17 10.49
C ASN D 219 -25.40 -38.69 10.80
N GLU D 220 -25.92 -38.17 11.91
CA GLU D 220 -25.67 -36.75 12.28
C GLU D 220 -24.19 -36.42 12.08
N ILE D 221 -23.31 -37.32 12.49
CA ILE D 221 -21.88 -37.08 12.33
C ILE D 221 -21.55 -36.76 10.88
N MET D 222 -22.10 -37.55 9.96
CA MET D 222 -21.87 -37.28 8.51
C MET D 222 -22.45 -35.90 8.16
N ASP D 223 -23.65 -35.59 8.65
CA ASP D 223 -24.29 -34.28 8.32
C ASP D 223 -23.38 -33.15 8.78
N LEU D 224 -22.95 -33.19 10.05
CA LEU D 224 -22.08 -32.11 10.60
C LEU D 224 -20.77 -32.07 9.80
N LEU D 225 -20.25 -33.23 9.41
CA LEU D 225 -19.01 -33.30 8.66
C LEU D 225 -19.16 -32.62 7.30
N ARG D 226 -20.29 -32.84 6.63
CA ARG D 226 -20.57 -32.10 5.40
C ARG D 226 -20.65 -30.60 5.69
N GLY D 227 -21.23 -30.24 6.82
CA GLY D 227 -21.27 -28.83 7.21
C GLY D 227 -19.89 -28.23 7.39
N MET D 228 -19.00 -28.99 8.03
CA MET D 228 -17.61 -28.50 8.26
C MET D 228 -16.92 -28.35 6.91
N ASP D 229 -17.13 -29.29 5.99
CA ASP D 229 -16.59 -29.15 4.64
C ASP D 229 -17.11 -27.89 3.97
N ALA D 230 -18.39 -27.58 4.18
CA ALA D 230 -18.97 -26.37 3.57
C ALA D 230 -18.32 -25.11 4.10
N ARG D 231 -18.29 -24.96 5.44
CA ARG D 231 -17.60 -23.77 6.01
C ARG D 231 -16.14 -23.79 5.55
N LEU D 232 -15.54 -24.99 5.41
CA LEU D 232 -14.17 -25.08 4.93
C LEU D 232 -14.01 -24.40 3.58
N GLN D 233 -14.85 -24.79 2.61
CA GLN D 233 -14.77 -24.21 1.25
C GLN D 233 -14.91 -22.69 1.39
N HIS D 234 -15.84 -22.26 2.24
CA HIS D 234 -16.02 -20.82 2.47
C HIS D 234 -14.73 -20.17 2.95
N LEU D 235 -14.02 -20.81 3.88
CA LEU D 235 -12.72 -20.29 4.30
C LEU D 235 -11.76 -20.22 3.12
N GLU D 236 -11.75 -21.25 2.28
CA GLU D 236 -10.84 -21.24 1.14
C GLU D 236 -11.10 -20.04 0.25
N GLN D 237 -12.37 -19.80 -0.11
CA GLN D 237 -12.65 -18.70 -1.02
C GLN D 237 -12.32 -17.34 -0.40
N LYS D 238 -12.75 -17.11 0.85
CA LYS D 238 -12.45 -15.81 1.44
C LYS D 238 -10.95 -15.61 1.63
N VAL D 239 -10.22 -16.66 2.02
CA VAL D 239 -8.79 -16.49 2.24
C VAL D 239 -8.06 -16.27 0.92
N ASP D 240 -8.54 -16.92 -0.14
CA ASP D 240 -7.91 -16.78 -1.48
C ASP D 240 -8.04 -15.32 -1.93
N LYS D 241 -9.24 -14.74 -1.79
CA LYS D 241 -9.44 -13.32 -2.20
C LYS D 241 -8.63 -12.41 -1.28
N VAL D 242 -8.49 -12.79 0.00
CA VAL D 242 -7.62 -12.02 0.88
C VAL D 242 -6.18 -12.02 0.35
N LEU D 243 -5.71 -13.16 -0.15
CA LEU D 243 -4.39 -13.21 -0.78
C LEU D 243 -4.33 -12.30 -1.99
N ALA D 244 -5.42 -12.22 -2.75
CA ALA D 244 -5.48 -11.30 -3.87
C ALA D 244 -5.33 -9.85 -3.40
N GLN D 245 -6.01 -9.51 -2.30
CA GLN D 245 -5.84 -8.19 -1.71
C GLN D 245 -4.38 -7.95 -1.32
N GLY D 246 -3.73 -8.95 -0.74
CA GLY D 246 -2.33 -8.81 -0.36
C GLY D 246 -1.42 -8.58 -1.57
N SER D 247 -1.74 -9.27 -2.67
CA SER D 247 -0.96 -9.10 -3.92
C SER D 247 -1.17 -7.67 -4.47
N MET D 248 -2.37 -7.11 -4.30
CA MET D 248 -2.62 -5.76 -4.78
C MET D 248 -1.95 -4.73 -3.87
N VAL D 249 -1.80 -5.03 -2.58
CA VAL D 249 -1.03 -4.12 -1.74
C VAL D 249 0.46 -4.21 -2.07
N THR D 250 0.89 -5.35 -2.62
CA THR D 250 2.32 -5.41 -3.07
C THR D 250 2.46 -4.49 -4.28
N GLN D 251 1.45 -4.45 -5.16
CA GLN D 251 1.47 -3.48 -6.28
C GLN D 251 1.54 -2.08 -5.68
N ILE D 252 0.55 -1.71 -4.88
CA ILE D 252 0.54 -0.36 -4.24
C ILE D 252 1.97 -0.06 -3.77
N LYS D 253 2.57 -0.99 -3.02
CA LYS D 253 3.94 -0.77 -2.48
C LYS D 253 4.88 -0.34 -3.61
N ASN D 254 4.84 -1.03 -4.75
CA ASN D 254 5.77 -0.73 -5.88
C ASN D 254 5.51 0.68 -6.41
N GLU D 255 4.25 1.03 -6.66
CA GLU D 255 3.93 2.37 -7.25
C GLU D 255 4.42 3.49 -6.33
N LEU D 256 4.02 3.41 -5.05
CA LEU D 256 4.45 4.43 -4.07
C LEU D 256 5.97 4.44 -4.02
N SER D 257 6.62 3.27 -4.20
CA SER D 257 8.09 3.37 -4.29
C SER D 257 8.42 4.37 -5.40
N THR D 258 7.83 4.20 -6.58
CA THR D 258 8.17 5.11 -7.71
C THR D 258 7.83 6.56 -7.28
N VAL D 259 6.72 6.75 -6.55
CA VAL D 259 6.37 8.10 -6.11
C VAL D 259 7.48 8.69 -5.25
N LYS D 260 8.05 7.86 -4.37
CA LYS D 260 9.17 8.33 -3.52
C LYS D 260 10.34 8.72 -4.43
N THR D 261 10.69 7.87 -5.40
CA THR D 261 11.83 8.16 -6.26
C THR D 261 11.65 9.51 -6.97
N THR D 262 10.48 9.73 -7.57
CA THR D 262 10.29 10.97 -8.30
C THR D 262 10.19 12.17 -7.35
N LEU D 263 9.67 11.96 -6.14
CA LEU D 263 9.65 13.02 -5.15
C LEU D 263 11.08 13.40 -4.77
N ALA D 264 11.96 12.41 -4.59
CA ALA D 264 13.35 12.72 -4.32
C ALA D 264 13.97 13.49 -5.48
N THR D 265 13.63 13.10 -6.71
CA THR D 265 14.18 13.81 -7.90
C THR D 265 13.75 15.27 -7.85
N ILE D 266 12.47 15.55 -7.58
CA ILE D 266 12.02 16.93 -7.60
C ILE D 266 12.59 17.71 -6.41
N GLU D 267 12.80 17.04 -5.27
CA GLU D 267 13.48 17.70 -4.16
C GLU D 267 14.90 18.11 -4.54
N GLY D 268 15.60 17.24 -5.28
CA GLY D 268 16.89 17.64 -5.81
C GLY D 268 16.77 18.80 -6.78
N MET D 269 15.72 18.81 -7.59
CA MET D 269 15.57 19.86 -8.64
C MET D 269 15.27 21.22 -8.01
N MET D 270 14.42 21.28 -6.99
CA MET D 270 14.00 22.59 -6.42
C MET D 270 15.18 23.31 -5.75
N ALA D 271 16.03 22.57 -5.03
CA ALA D 271 17.14 23.18 -4.31
C ALA D 271 18.22 23.68 -5.28
#